data_9BTC
#
_entry.id   9BTC
#
_cell.length_a   1.00
_cell.length_b   1.00
_cell.length_c   1.00
_cell.angle_alpha   90.00
_cell.angle_beta   90.00
_cell.angle_gamma   90.00
#
_symmetry.space_group_name_H-M   'P 1'
#
loop_
_entity.id
_entity.type
_entity.pdbx_description
1 polymer 'Spike glycoprotein'
2 branched alpha-D-mannopyranose-(1-3)-[alpha-D-mannopyranose-(1-6)]beta-D-mannopyranose-(1-4)-2-acetamido-2-deoxy-beta-D-glucopyranose-(1-4)-2-acetamido-2-deoxy-beta-D-glucopyranose
3 branched 2-acetamido-2-deoxy-beta-D-glucopyranose-(1-4)-2-acetamido-2-deoxy-beta-D-glucopyranose
4 non-polymer 2-acetamido-2-deoxy-beta-D-glucopyranose
5 non-polymer '5-acetamido-8-O-(5-acetamido-9-O-acetyl-3,5-dideoxy-D-glycero-alpha-D-galacto-non-2-ulopyranonosyl)-3,5-dideoxy-D-glycero-alpha-D-galacto-non-2-ulopyranosonic acid'
#
_entity_poly.entity_id   1
_entity_poly.type   'polypeptide(L)'
_entity_poly.pdbx_seq_one_letter_code
;VIGDFNCTNFAINDLNTTVPRISEYVVDVSYGLGTYYILDRVYLNTTILFTGYFPKSGANFRDLSLKGTTYLSTLWYQKP
FLSDFNNGIFSRVKNTKLYVNKTLYSEFSTIVIGSVFINNSYTIVVQPHNGVLEITACQYTMCEYPHTICKSKGSSRNES
WHFDKSEPLCLFKKNFTYNVSTDWLYFHFYQERGTFYAYYADSGMPTTFLFSLYLGTLLSHYYVLPLTCNAISSNTDNET
LQYWVTPLSKRQYLLKFDNRGVITNAVDCSSSFFSEIQCKTKSLLPNTGVYDLSGFTVKPVATVHRRIPDLPDCDIDKWL
NNFNVPSPLNWERKIFSNCNFNLSTLLRLVHTDSFSCNNFDESKIYGSCFKSIVLDKFAIPNSRRSDLQLGSSGFLQSSN
YKIDTTSSSCQLYYSLPAINVTINNYNPSSWNRRYGFNNFNLSSHSVVYSRYCFSVNNTFCPCAKPSFASSCKSHKPPSA
SCPIGTNYRSCESTTVLDHTDWCRCSCLPDPITAYDPRSCSQKKSLVGVGEHCAGFGVDEEKCGVLDGSYNVSCLCSTDA
FLGWSYDTCVSNNRCNIFSNFILNGINSGTTCSNDLLQPNTEVFTDVCVDYDLYGITGQGIFKEVSAVYYNSWQNLLYDS
NGNIIGFKDFVTNKTYNIFPCYAGRVSAAFHQNASSLALLYRNLKCSYVLNNISLTTQPYFDSYLGCVFNADNLTDYSVS
SCALRMGSGFCVDYNSYRFVTFEPFNVSFVNDSIESVGGLYEIKIPTNFTIVGQEEFIQTNSPKVTIDCSLFVCSNYAAC
HDLLSEYGTFCDNINSILDEVNGLLDTTQLHVADTLMQGVTLSSNLNTNLHFDVDNINFKSLVGCLGPHCGSSSRSFFED
LLFDKVKLSDVGFVEAYNNCTGGSEIRDLLCVQSFNGIKVLPPILSESQISGYTTAATVAAMFPPWSAAAGIPFSLNVQY
RINGLGVTMDVLNKNQKLIATAFNNALLSIQNGFSAPNSALAKIQSVVNSNAQALNSLLQQLFNKFGAISSSLQEILSRL
DPPEAQVQIDRLINGRLTALNAYVSQQLSDISLVKFGAALAMEKVNECVKSQSPRINFCGNGNHILSLVQNAPYGLLFMH
FSYKPISFKTVLVSPGLCISGDVGIAPKQGYFIKHNDHWMFTGSSYYYPEPISDKNVVFMNTCSVNFTKAPLVY
;
_entity_poly.pdbx_strand_id   A
#
loop_
_chem_comp.id
_chem_comp.type
_chem_comp.name
_chem_comp.formula
A1AR1 non-polymer '5-acetamido-8-O-(5-acetamido-9-O-acetyl-3,5-dideoxy-D-glycero-alpha-D-galacto-non-2-ulopyranonosyl)-3,5-dideoxy-D-glycero-alpha-D-galacto-non-2-ulopyranosonic acid' 'C24 H38 N2 O18'
BMA D-saccharide, beta linking beta-D-mannopyranose 'C6 H12 O6'
MAN D-saccharide, alpha linking alpha-D-mannopyranose 'C6 H12 O6'
NAG D-saccharide, beta linking 2-acetamido-2-deoxy-beta-D-glucopyranose 'C8 H15 N O6'
#
# COMPACT_ATOMS: atom_id res chain seq x y z
N VAL A 1 -0.14 -4.43 18.80
CA VAL A 1 -1.42 -4.83 18.15
C VAL A 1 -1.92 -3.73 17.23
N ILE A 2 -2.70 -4.05 16.20
CA ILE A 2 -3.27 -3.04 15.29
C ILE A 2 -4.57 -2.51 15.88
N GLY A 3 -5.69 -3.21 15.70
CA GLY A 3 -6.92 -2.97 16.44
C GLY A 3 -6.89 -3.65 17.81
N ASP A 4 -8.05 -3.82 18.43
CA ASP A 4 -8.18 -4.43 19.75
C ASP A 4 -9.07 -5.69 19.79
N PHE A 5 -9.67 -6.08 18.66
CA PHE A 5 -10.59 -7.22 18.61
C PHE A 5 -9.86 -8.55 18.58
N ASN A 6 -10.15 -9.46 19.52
CA ASN A 6 -9.60 -10.82 19.53
C ASN A 6 -10.25 -11.69 18.45
N CYS A 7 -9.78 -11.56 17.21
CA CYS A 7 -10.22 -12.38 16.08
C CYS A 7 -9.71 -13.83 16.17
N THR A 8 -8.54 -14.05 16.78
CA THR A 8 -7.91 -15.37 16.87
C THR A 8 -6.84 -15.45 17.95
N ASN A 9 -6.56 -16.67 18.42
CA ASN A 9 -5.33 -17.03 19.14
C ASN A 9 -4.58 -18.21 18.49
N PHE A 10 -4.93 -18.59 17.26
CA PHE A 10 -4.30 -19.69 16.53
C PHE A 10 -2.88 -19.32 16.07
N ALA A 11 -1.89 -20.11 16.46
CA ALA A 11 -0.49 -20.02 16.02
C ALA A 11 0.10 -18.59 16.13
N ILE A 12 -0.02 -17.96 17.30
CA ILE A 12 0.62 -16.67 17.60
C ILE A 12 1.88 -16.93 18.45
N ASN A 13 3.01 -16.31 18.12
CA ASN A 13 4.24 -16.39 18.91
C ASN A 13 4.92 -15.01 19.03
N ASP A 14 6.10 -14.94 19.68
CA ASP A 14 6.83 -13.68 19.90
C ASP A 14 8.19 -13.63 19.18
N LEU A 15 8.43 -14.46 18.16
CA LEU A 15 9.74 -14.58 17.53
C LEU A 15 10.13 -13.32 16.74
N ASN A 16 11.36 -12.86 16.91
CA ASN A 16 11.94 -11.76 16.14
C ASN A 16 12.49 -12.26 14.80
N THR A 17 11.61 -12.60 13.86
CA THR A 17 12.02 -13.29 12.62
C THR A 17 12.71 -12.38 11.60
N THR A 18 12.44 -11.07 11.61
CA THR A 18 12.94 -10.11 10.61
C THR A 18 12.84 -8.67 11.11
N VAL A 19 13.54 -7.74 10.45
CA VAL A 19 13.28 -6.30 10.49
C VAL A 19 13.15 -5.77 9.06
N PRO A 20 12.46 -4.64 8.80
CA PRO A 20 12.30 -4.09 7.46
C PRO A 20 13.62 -3.93 6.71
N ARG A 21 13.72 -4.49 5.50
CA ARG A 21 14.88 -4.34 4.61
C ARG A 21 14.95 -2.91 4.09
N ILE A 22 16.15 -2.37 3.89
CA ILE A 22 16.36 -1.07 3.25
C ILE A 22 16.75 -1.29 1.80
N SER A 23 16.10 -0.62 0.87
CA SER A 23 16.32 -0.82 -0.56
C SER A 23 17.71 -0.36 -0.98
N GLU A 24 18.34 -1.11 -1.89
CA GLU A 24 19.48 -0.62 -2.66
C GLU A 24 19.01 0.40 -3.71
N TYR A 25 17.83 0.20 -4.27
CA TYR A 25 17.12 1.15 -5.13
C TYR A 25 16.81 2.44 -4.38
N VAL A 26 16.90 3.59 -5.05
CA VAL A 26 16.57 4.90 -4.48
C VAL A 26 15.66 5.70 -5.42
N VAL A 27 14.89 6.61 -4.85
CA VAL A 27 13.96 7.48 -5.57
C VAL A 27 14.69 8.27 -6.66
N ASP A 28 14.28 8.14 -7.92
CA ASP A 28 14.81 8.92 -9.05
C ASP A 28 13.64 9.44 -9.87
N VAL A 29 13.35 10.74 -9.72
CA VAL A 29 12.16 11.37 -10.31
C VAL A 29 12.41 11.96 -11.69
N SER A 30 13.62 11.84 -12.24
CA SER A 30 14.00 12.53 -13.49
C SER A 30 13.10 12.22 -14.70
N TYR A 31 12.44 11.06 -14.73
CA TYR A 31 11.46 10.66 -15.75
C TYR A 31 10.03 10.54 -15.21
N GLY A 32 9.71 11.21 -14.10
CA GLY A 32 8.36 11.34 -13.57
C GLY A 32 7.92 10.23 -12.61
N LEU A 33 8.64 9.11 -12.51
CA LEU A 33 8.37 8.07 -11.51
C LEU A 33 8.56 8.64 -10.10
N GLY A 34 7.58 8.52 -9.22
CA GLY A 34 7.59 9.22 -7.92
C GLY A 34 6.85 10.56 -7.92
N THR A 35 6.40 11.05 -9.08
CA THR A 35 5.43 12.15 -9.19
C THR A 35 4.01 11.63 -9.45
N TYR A 36 3.04 12.52 -9.49
CA TYR A 36 1.64 12.21 -9.80
C TYR A 36 1.04 13.23 -10.75
N TYR A 37 0.11 12.82 -11.60
CA TYR A 37 -0.74 13.76 -12.34
C TYR A 37 -1.66 14.51 -11.36
N ILE A 38 -1.80 15.83 -11.51
CA ILE A 38 -2.52 16.64 -10.53
C ILE A 38 -4.03 16.45 -10.67
N LEU A 39 -4.63 15.70 -9.75
CA LEU A 39 -6.09 15.48 -9.67
C LEU A 39 -6.67 15.05 -11.03
N ASP A 40 -7.78 15.63 -11.47
CA ASP A 40 -8.38 15.43 -12.79
C ASP A 40 -7.90 16.42 -13.86
N ARG A 41 -6.87 17.22 -13.59
CA ARG A 41 -6.34 18.21 -14.54
C ARG A 41 -5.57 17.56 -15.67
N VAL A 42 -5.61 18.19 -16.84
CA VAL A 42 -4.73 17.92 -17.98
C VAL A 42 -3.92 19.17 -18.27
N TYR A 43 -2.60 19.08 -18.26
CA TYR A 43 -1.70 20.15 -18.69
C TYR A 43 -1.03 19.73 -20.00
N LEU A 44 -1.07 20.57 -21.04
CA LEU A 44 -0.53 20.25 -22.35
C LEU A 44 0.68 21.13 -22.67
N ASN A 45 1.71 20.53 -23.25
CA ASN A 45 2.93 21.18 -23.77
C ASN A 45 3.45 22.33 -22.89
N THR A 46 3.85 22.03 -21.66
CA THR A 46 4.18 23.06 -20.66
C THR A 46 5.09 22.53 -19.56
N THR A 47 5.73 23.41 -18.82
CA THR A 47 6.35 23.11 -17.52
C THR A 47 5.66 23.90 -16.43
N ILE A 48 5.30 23.26 -15.32
CA ILE A 48 4.79 23.95 -14.13
C ILE A 48 5.69 23.66 -12.94
N LEU A 49 5.90 24.65 -12.07
CA LEU A 49 6.30 24.38 -10.70
C LEU A 49 5.03 24.08 -9.91
N PHE A 50 5.02 22.98 -9.21
CA PHE A 50 3.89 22.53 -8.40
C PHE A 50 4.39 22.12 -7.02
N THR A 51 3.70 22.54 -5.96
CA THR A 51 4.04 22.16 -4.59
C THR A 51 3.04 21.14 -4.08
N GLY A 52 3.56 20.02 -3.60
CA GLY A 52 2.80 18.82 -3.35
C GLY A 52 3.52 17.88 -2.40
N TYR A 53 2.97 16.69 -2.19
CA TYR A 53 3.55 15.73 -1.28
C TYR A 53 4.35 14.71 -2.06
N PHE A 54 5.66 14.92 -2.11
CA PHE A 54 6.57 14.13 -2.93
C PHE A 54 7.63 13.45 -2.08
N PRO A 55 8.18 12.31 -2.53
CA PRO A 55 9.35 11.73 -1.91
C PRO A 55 10.58 12.64 -2.12
N LYS A 56 11.57 12.54 -1.25
CA LYS A 56 12.90 13.13 -1.50
C LYS A 56 13.57 12.39 -2.65
N SER A 57 14.12 13.10 -3.63
CA SER A 57 15.01 12.48 -4.62
C SER A 57 16.21 11.84 -3.90
N GLY A 58 16.59 10.63 -4.29
CA GLY A 58 17.68 9.88 -3.69
C GLY A 58 17.37 9.19 -2.35
N ALA A 59 16.13 9.23 -1.84
CA ALA A 59 15.76 8.50 -0.63
C ALA A 59 15.70 6.97 -0.85
N ASN A 60 16.00 6.18 0.19
CA ASN A 60 15.72 4.74 0.23
C ASN A 60 14.24 4.47 0.54
N PHE A 61 13.87 3.19 0.45
CA PHE A 61 12.58 2.65 0.88
C PHE A 61 12.80 1.56 1.94
N ARG A 62 11.81 1.36 2.80
CA ARG A 62 11.69 0.20 3.72
C ARG A 62 10.75 -0.83 3.10
N ASP A 63 11.14 -2.09 2.97
CA ASP A 63 10.20 -3.16 2.60
C ASP A 63 9.42 -3.62 3.84
N LEU A 64 8.15 -3.28 3.89
CA LEU A 64 7.26 -3.64 5.00
C LEU A 64 6.44 -4.89 4.74
N SER A 65 6.63 -5.58 3.61
CA SER A 65 5.90 -6.81 3.35
C SER A 65 6.34 -7.91 4.31
N LEU A 66 5.36 -8.64 4.85
CA LEU A 66 5.56 -9.76 5.75
C LEU A 66 4.85 -10.99 5.18
N LYS A 67 5.60 -12.06 4.90
CA LYS A 67 5.02 -13.33 4.44
C LYS A 67 5.02 -14.32 5.58
N GLY A 68 3.87 -14.88 5.94
CA GLY A 68 3.78 -15.95 6.94
C GLY A 68 3.48 -17.31 6.33
N THR A 69 3.54 -18.37 7.14
CA THR A 69 2.96 -19.67 6.78
C THR A 69 1.83 -20.00 7.75
N THR A 70 2.04 -20.78 8.81
CA THR A 70 1.03 -20.98 9.86
C THR A 70 1.10 -19.90 10.93
N TYR A 71 2.29 -19.62 11.46
CA TYR A 71 2.48 -18.71 12.59
C TYR A 71 2.48 -17.23 12.22
N LEU A 72 2.06 -16.39 13.17
CA LEU A 72 2.25 -14.94 13.16
C LEU A 72 3.04 -14.53 14.41
N SER A 73 3.90 -13.51 14.30
CA SER A 73 4.64 -12.99 15.46
C SER A 73 3.97 -11.73 16.00
N THR A 74 3.81 -11.59 17.31
CA THR A 74 3.35 -10.34 17.91
C THR A 74 4.25 -9.17 17.56
N LEU A 75 5.56 -9.39 17.38
CA LEU A 75 6.51 -8.37 16.98
C LEU A 75 6.26 -7.84 15.55
N TRP A 76 5.50 -8.55 14.72
CA TRP A 76 5.08 -8.02 13.42
C TRP A 76 4.02 -6.91 13.53
N TYR A 77 3.39 -6.74 14.68
CA TYR A 77 2.28 -5.80 14.88
C TYR A 77 2.66 -4.62 15.79
N GLN A 78 3.91 -4.20 15.70
CA GLN A 78 4.57 -3.18 16.51
C GLN A 78 5.53 -2.36 15.64
N LYS A 79 6.06 -1.26 16.14
CA LYS A 79 7.27 -0.63 15.56
C LYS A 79 8.38 -1.69 15.45
N PRO A 80 9.15 -1.73 14.36
CA PRO A 80 9.22 -0.76 13.28
C PRO A 80 8.19 -0.93 12.15
N PHE A 81 7.30 -1.92 12.18
CA PHE A 81 6.34 -2.18 11.10
C PHE A 81 5.13 -1.26 11.17
N LEU A 82 4.45 -1.20 12.32
CA LEU A 82 3.41 -0.21 12.59
C LEU A 82 4.05 1.17 12.57
N SER A 83 3.70 1.98 11.57
CA SER A 83 4.48 3.16 11.19
C SER A 83 3.67 4.43 11.30
N ASP A 84 4.30 5.52 11.77
CA ASP A 84 3.67 6.85 11.73
C ASP A 84 3.46 7.28 10.27
N PHE A 85 2.25 7.70 9.92
CA PHE A 85 1.91 8.15 8.57
C PHE A 85 2.47 9.54 8.27
N ASN A 86 2.53 10.42 9.27
CA ASN A 86 2.98 11.81 9.12
C ASN A 86 2.22 12.51 7.98
N ASN A 87 2.94 13.03 6.99
CA ASN A 87 2.33 13.66 5.82
C ASN A 87 1.79 12.64 4.81
N GLY A 88 2.42 11.48 4.69
CA GLY A 88 2.08 10.45 3.73
C GLY A 88 3.25 9.60 3.30
N ILE A 89 3.04 8.72 2.32
CA ILE A 89 4.03 7.78 1.79
C ILE A 89 3.93 7.64 0.26
N PHE A 90 5.07 7.39 -0.38
CA PHE A 90 5.15 6.81 -1.72
C PHE A 90 5.55 5.36 -1.54
N SER A 91 4.87 4.43 -2.22
CA SER A 91 5.23 3.01 -2.17
C SER A 91 5.49 2.43 -3.55
N ARG A 92 6.42 1.50 -3.63
CA ARG A 92 6.73 0.68 -4.80
C ARG A 92 6.46 -0.77 -4.43
N VAL A 93 5.52 -1.40 -5.11
CA VAL A 93 4.95 -2.68 -4.70
C VAL A 93 5.21 -3.71 -5.77
N LYS A 94 5.92 -4.79 -5.44
CA LYS A 94 6.10 -5.89 -6.37
C LYS A 94 4.76 -6.59 -6.55
N ASN A 95 4.31 -6.72 -7.78
CA ASN A 95 3.19 -7.59 -8.09
C ASN A 95 3.69 -9.03 -8.11
N THR A 96 3.38 -9.83 -7.10
CA THR A 96 3.87 -11.20 -7.00
C THR A 96 3.03 -12.10 -7.90
N LYS A 97 3.65 -12.61 -8.97
CA LYS A 97 3.00 -13.34 -10.05
C LYS A 97 3.18 -14.84 -9.82
N LEU A 98 2.08 -15.57 -9.68
CA LEU A 98 2.01 -16.99 -9.33
C LEU A 98 1.23 -17.78 -10.37
N TYR A 99 1.60 -19.03 -10.59
CA TYR A 99 0.91 -19.91 -11.54
C TYR A 99 0.31 -21.11 -10.82
N VAL A 100 -0.99 -21.35 -10.97
CA VAL A 100 -1.68 -22.48 -10.31
C VAL A 100 -1.67 -23.71 -11.23
N ASN A 101 -2.22 -23.58 -12.43
CA ASN A 101 -1.89 -24.45 -13.56
C ASN A 101 -0.95 -23.64 -14.48
N LYS A 102 -1.25 -23.54 -15.78
CA LYS A 102 -0.61 -22.54 -16.66
C LYS A 102 -1.13 -21.12 -16.40
N THR A 103 -2.29 -20.96 -15.75
CA THR A 103 -2.95 -19.68 -15.47
C THR A 103 -2.21 -18.82 -14.45
N LEU A 104 -2.04 -17.54 -14.77
CA LEU A 104 -1.41 -16.53 -13.92
C LEU A 104 -2.36 -15.94 -12.88
N TYR A 105 -1.85 -15.67 -11.69
CA TYR A 105 -2.51 -14.94 -10.61
C TYR A 105 -1.57 -13.88 -10.02
N SER A 106 -2.15 -12.77 -9.57
CA SER A 106 -1.46 -11.64 -8.96
C SER A 106 -1.79 -11.54 -7.46
N GLU A 107 -0.76 -11.49 -6.61
CA GLU A 107 -0.86 -11.26 -5.17
C GLU A 107 0.07 -10.09 -4.77
N PHE A 108 -0.31 -9.27 -3.80
CA PHE A 108 0.62 -8.39 -3.07
C PHE A 108 0.00 -7.93 -1.74
N SER A 109 0.80 -7.37 -0.84
CA SER A 109 0.33 -7.02 0.51
C SER A 109 -0.75 -5.93 0.51
N THR A 110 -1.79 -6.12 1.31
CA THR A 110 -2.74 -5.06 1.66
C THR A 110 -2.08 -4.03 2.56
N ILE A 111 -2.37 -2.74 2.36
CA ILE A 111 -2.00 -1.68 3.29
C ILE A 111 -3.25 -1.14 3.99
N VAL A 112 -3.14 -0.87 5.29
CA VAL A 112 -4.16 -0.17 6.06
C VAL A 112 -3.61 1.15 6.57
N ILE A 113 -4.40 2.21 6.53
CA ILE A 113 -4.03 3.54 6.98
C ILE A 113 -5.13 4.05 7.89
N GLY A 114 -4.79 4.64 9.03
CA GLY A 114 -5.78 4.98 10.04
C GLY A 114 -5.17 5.75 11.19
N SER A 115 -5.76 5.65 12.37
CA SER A 115 -5.24 6.24 13.59
C SER A 115 -5.21 5.21 14.71
N VAL A 116 -6.29 5.07 15.46
CA VAL A 116 -6.42 4.08 16.56
C VAL A 116 -6.86 2.70 16.09
N PHE A 117 -7.24 2.54 14.81
CA PHE A 117 -7.68 1.28 14.21
C PHE A 117 -8.79 0.57 14.99
N ILE A 118 -9.79 1.32 15.45
CA ILE A 118 -11.00 0.78 16.08
C ILE A 118 -12.24 1.45 15.50
N ASN A 119 -13.40 0.79 15.58
CA ASN A 119 -14.61 1.15 14.84
C ASN A 119 -15.33 2.46 15.24
N ASN A 120 -14.74 3.32 16.08
CA ASN A 120 -15.15 4.73 16.19
C ASN A 120 -14.30 5.68 15.33
N SER A 121 -13.42 5.12 14.49
CA SER A 121 -12.50 5.84 13.60
C SER A 121 -12.45 5.20 12.22
N TYR A 122 -12.36 5.98 11.15
CA TYR A 122 -12.22 5.43 9.80
C TYR A 122 -10.81 4.88 9.57
N THR A 123 -10.74 3.69 8.99
CA THR A 123 -9.54 3.06 8.47
C THR A 123 -9.66 2.97 6.96
N ILE A 124 -8.69 3.48 6.21
CA ILE A 124 -8.58 3.22 4.77
C ILE A 124 -7.90 1.87 4.58
N VAL A 125 -8.37 1.03 3.67
CA VAL A 125 -7.77 -0.27 3.34
C VAL A 125 -7.61 -0.36 1.84
N VAL A 126 -6.43 -0.75 1.35
CA VAL A 126 -6.16 -0.96 -0.07
C VAL A 126 -5.70 -2.40 -0.26
N GLN A 127 -6.49 -3.22 -0.96
CA GLN A 127 -6.29 -4.66 -1.08
C GLN A 127 -6.42 -5.14 -2.53
N PRO A 128 -5.49 -5.93 -3.07
CA PRO A 128 -5.64 -6.55 -4.37
C PRO A 128 -6.47 -7.83 -4.32
N HIS A 129 -7.17 -8.10 -5.41
CA HIS A 129 -7.93 -9.32 -5.69
C HIS A 129 -7.69 -9.76 -7.13
N ASN A 130 -6.45 -10.13 -7.45
CA ASN A 130 -6.05 -10.66 -8.75
C ASN A 130 -6.48 -9.79 -9.95
N GLY A 131 -6.01 -8.55 -10.01
CA GLY A 131 -6.27 -7.61 -11.12
C GLY A 131 -7.36 -6.58 -10.82
N VAL A 132 -8.11 -6.77 -9.75
CA VAL A 132 -8.99 -5.76 -9.15
C VAL A 132 -8.33 -5.25 -7.89
N LEU A 133 -8.25 -3.95 -7.72
CA LEU A 133 -7.78 -3.30 -6.50
C LEU A 133 -8.99 -2.77 -5.75
N GLU A 134 -9.36 -3.40 -4.64
CA GLU A 134 -10.45 -2.94 -3.78
C GLU A 134 -9.92 -1.90 -2.79
N ILE A 135 -10.60 -0.77 -2.72
CA ILE A 135 -10.28 0.30 -1.77
C ILE A 135 -11.51 0.70 -1.01
N THR A 136 -11.35 0.84 0.31
CA THR A 136 -12.43 1.22 1.21
C THR A 136 -11.93 2.16 2.28
N ALA A 137 -12.84 2.91 2.88
CA ALA A 137 -12.59 3.78 4.02
C ALA A 137 -13.76 3.60 4.97
N CYS A 138 -13.61 2.75 5.97
CA CYS A 138 -14.72 2.31 6.79
C CYS A 138 -14.37 2.27 8.26
N GLN A 139 -15.38 2.28 9.11
CA GLN A 139 -15.23 2.07 10.54
C GLN A 139 -14.98 0.60 10.89
N TYR A 140 -13.96 -0.01 10.28
CA TYR A 140 -13.64 -1.42 10.49
C TYR A 140 -13.32 -1.76 11.94
N THR A 141 -13.87 -2.86 12.43
CA THR A 141 -13.44 -3.47 13.68
C THR A 141 -12.19 -4.29 13.41
N MET A 142 -11.03 -3.64 13.32
CA MET A 142 -9.77 -4.30 13.03
C MET A 142 -9.37 -5.31 14.10
N CYS A 143 -8.78 -6.42 13.69
CA CYS A 143 -8.23 -7.42 14.60
C CYS A 143 -6.99 -6.92 15.35
N GLU A 144 -6.60 -7.60 16.43
CA GLU A 144 -5.30 -7.39 17.06
C GLU A 144 -4.13 -7.75 16.14
N TYR A 145 -4.26 -8.88 15.44
CA TYR A 145 -3.25 -9.47 14.57
C TYR A 145 -3.77 -9.68 13.13
N PRO A 146 -4.07 -8.60 12.40
CA PRO A 146 -4.70 -8.70 11.09
C PRO A 146 -3.77 -9.30 10.05
N HIS A 147 -4.29 -10.06 9.09
CA HIS A 147 -3.52 -10.56 7.94
C HIS A 147 -4.43 -10.94 6.77
N THR A 148 -3.85 -11.04 5.58
CA THR A 148 -4.51 -11.60 4.38
C THR A 148 -3.89 -12.95 4.00
N ILE A 149 -4.32 -13.52 2.89
CA ILE A 149 -3.87 -14.85 2.41
C ILE A 149 -3.65 -14.84 0.90
N CYS A 150 -2.90 -15.82 0.38
CA CYS A 150 -3.06 -16.21 -1.01
C CYS A 150 -4.49 -16.69 -1.26
N LYS A 151 -5.20 -16.14 -2.24
CA LYS A 151 -6.37 -16.84 -2.79
C LYS A 151 -5.94 -17.92 -3.79
N SER A 152 -4.81 -17.70 -4.45
CA SER A 152 -4.36 -18.46 -5.61
C SER A 152 -3.82 -19.83 -5.22
N LYS A 153 -2.66 -19.86 -4.55
CA LYS A 153 -2.17 -21.02 -3.79
C LYS A 153 -2.91 -21.10 -2.44
N GLY A 154 -2.80 -22.23 -1.75
CA GLY A 154 -3.47 -22.43 -0.46
C GLY A 154 -2.93 -21.54 0.67
N SER A 155 -3.69 -21.44 1.75
CA SER A 155 -3.24 -20.88 3.02
C SER A 155 -3.72 -21.74 4.19
N SER A 156 -2.83 -22.01 5.15
CA SER A 156 -3.13 -22.75 6.39
C SER A 156 -3.77 -21.89 7.49
N ARG A 157 -4.01 -20.61 7.21
CA ARG A 157 -4.89 -19.70 7.98
C ARG A 157 -6.00 -19.17 7.07
N ASN A 158 -7.18 -18.87 7.60
CA ASN A 158 -8.19 -18.09 6.88
C ASN A 158 -7.79 -16.60 6.83
N GLU A 159 -8.37 -15.81 5.93
CA GLU A 159 -8.21 -14.36 5.96
C GLU A 159 -8.90 -13.75 7.17
N SER A 160 -8.21 -12.88 7.90
CA SER A 160 -8.76 -12.26 9.11
C SER A 160 -8.04 -10.96 9.40
N TRP A 161 -8.68 -9.82 9.10
CA TRP A 161 -8.15 -8.50 9.43
C TRP A 161 -9.17 -7.55 10.04
N HIS A 162 -10.46 -7.80 9.84
CA HIS A 162 -11.54 -7.18 10.59
C HIS A 162 -12.57 -8.23 11.02
N PHE A 163 -13.39 -7.90 12.01
CA PHE A 163 -14.52 -8.71 12.46
C PHE A 163 -15.79 -7.88 12.52
N ASP A 164 -16.39 -7.61 11.37
CA ASP A 164 -17.71 -6.99 11.27
C ASP A 164 -18.68 -7.97 10.60
N LYS A 165 -19.69 -8.43 11.34
CA LYS A 165 -20.67 -9.43 10.87
C LYS A 165 -21.73 -8.86 9.93
N SER A 166 -21.85 -7.54 9.89
CA SER A 166 -22.58 -6.77 8.87
C SER A 166 -21.75 -5.54 8.53
N GLU A 167 -21.90 -5.01 7.32
CA GLU A 167 -20.94 -4.03 6.78
C GLU A 167 -20.90 -2.73 7.61
N PRO A 168 -19.71 -2.24 7.98
CA PRO A 168 -19.53 -1.02 8.76
C PRO A 168 -19.85 0.23 7.95
N LEU A 169 -19.99 1.38 8.61
CA LEU A 169 -20.11 2.68 7.93
C LEU A 169 -18.86 2.93 7.07
N CYS A 170 -19.08 3.25 5.80
CA CYS A 170 -18.00 3.56 4.86
C CYS A 170 -18.19 4.93 4.24
N LEU A 171 -17.17 5.78 4.30
CA LEU A 171 -17.14 7.06 3.57
C LEU A 171 -16.82 6.87 2.10
N PHE A 172 -16.05 5.82 1.79
CA PHE A 172 -15.61 5.50 0.44
C PHE A 172 -15.50 3.99 0.27
N LYS A 173 -15.84 3.49 -0.92
CA LYS A 173 -15.79 2.08 -1.31
C LYS A 173 -15.82 2.01 -2.83
N LYS A 174 -14.70 1.65 -3.45
CA LYS A 174 -14.55 1.63 -4.91
C LYS A 174 -13.48 0.64 -5.35
N ASN A 175 -13.61 0.13 -6.56
CA ASN A 175 -12.65 -0.79 -7.15
C ASN A 175 -12.02 -0.18 -8.41
N PHE A 176 -10.77 -0.53 -8.66
CA PHE A 176 -9.99 -0.05 -9.79
C PHE A 176 -9.29 -1.26 -10.44
N THR A 177 -9.20 -1.32 -11.76
CA THR A 177 -8.44 -2.41 -12.40
C THR A 177 -6.95 -2.12 -12.39
N TYR A 178 -6.12 -3.15 -12.42
CA TYR A 178 -4.69 -3.04 -12.71
C TYR A 178 -4.21 -4.20 -13.58
N ASN A 179 -3.20 -3.97 -14.41
CA ASN A 179 -2.62 -4.97 -15.27
C ASN A 179 -1.90 -6.06 -14.46
N VAL A 180 -2.54 -7.23 -14.37
CA VAL A 180 -2.06 -8.44 -13.69
C VAL A 180 -0.66 -8.88 -14.12
N SER A 181 -0.23 -8.58 -15.34
CA SER A 181 1.06 -9.00 -15.87
C SER A 181 2.24 -8.10 -15.47
N THR A 182 2.01 -6.92 -14.91
CA THR A 182 3.06 -5.94 -14.55
C THR A 182 3.99 -6.46 -13.45
N ASP A 183 5.23 -5.98 -13.41
CA ASP A 183 6.13 -6.34 -12.31
C ASP A 183 5.96 -5.44 -11.07
N TRP A 184 5.51 -4.20 -11.26
CA TRP A 184 5.41 -3.21 -10.19
C TRP A 184 4.12 -2.39 -10.24
N LEU A 185 3.57 -2.08 -9.07
CA LEU A 185 2.61 -1.01 -8.86
C LEU A 185 3.24 0.07 -7.99
N TYR A 186 2.84 1.31 -8.17
CA TYR A 186 3.29 2.45 -7.40
C TYR A 186 2.10 3.16 -6.80
N PHE A 187 2.20 3.69 -5.58
CA PHE A 187 1.12 4.44 -4.94
C PHE A 187 1.65 5.68 -4.23
N HIS A 188 0.88 6.77 -4.25
CA HIS A 188 1.02 7.88 -3.29
C HIS A 188 -0.18 7.88 -2.38
N PHE A 189 0.05 7.95 -1.07
CA PHE A 189 -1.00 8.18 -0.08
C PHE A 189 -0.59 9.36 0.79
N TYR A 190 -1.40 10.41 0.88
CA TYR A 190 -1.09 11.56 1.72
C TYR A 190 -2.33 12.24 2.27
N GLN A 191 -2.13 13.10 3.26
CA GLN A 191 -3.20 13.95 3.79
C GLN A 191 -2.81 15.42 3.78
N GLU A 192 -3.75 16.30 3.46
CA GLU A 192 -3.60 17.75 3.58
C GLU A 192 -4.90 18.38 4.09
N ARG A 193 -4.84 19.26 5.09
CA ARG A 193 -6.01 19.97 5.66
C ARG A 193 -7.21 19.05 5.91
N GLY A 194 -6.97 17.89 6.51
CA GLY A 194 -8.00 16.92 6.85
C GLY A 194 -8.57 16.14 5.67
N THR A 195 -8.01 16.27 4.46
CA THR A 195 -8.42 15.52 3.27
C THR A 195 -7.36 14.49 2.91
N PHE A 196 -7.75 13.23 2.75
CA PHE A 196 -6.86 12.18 2.25
C PHE A 196 -6.86 12.13 0.73
N TYR A 197 -5.73 11.75 0.14
CA TYR A 197 -5.55 11.59 -1.29
C TYR A 197 -4.80 10.29 -1.59
N ALA A 198 -5.23 9.59 -2.64
CA ALA A 198 -4.59 8.37 -3.12
C ALA A 198 -4.38 8.42 -4.63
N TYR A 199 -3.25 7.87 -5.07
CA TYR A 199 -2.90 7.75 -6.48
C TYR A 199 -2.25 6.39 -6.70
N TYR A 200 -2.40 5.81 -7.89
CA TYR A 200 -1.63 4.64 -8.28
C TYR A 200 -1.17 4.63 -9.72
N ALA A 201 -0.19 3.79 -10.02
CA ALA A 201 0.09 3.34 -11.39
C ALA A 201 0.51 1.88 -11.38
N ASP A 202 0.27 1.19 -12.48
CA ASP A 202 0.71 -0.16 -12.76
C ASP A 202 1.76 -0.16 -13.88
N SER A 203 2.72 0.77 -13.81
CA SER A 203 3.87 0.88 -14.70
C SER A 203 4.89 1.82 -14.06
N GLY A 204 6.13 1.83 -14.54
CA GLY A 204 7.12 2.85 -14.16
C GLY A 204 6.79 4.20 -14.77
N MET A 205 5.88 4.95 -14.15
CA MET A 205 5.28 6.18 -14.66
C MET A 205 4.74 7.03 -13.50
N PRO A 206 4.37 8.31 -13.72
CA PRO A 206 3.67 9.08 -12.71
C PRO A 206 2.36 8.41 -12.32
N THR A 207 2.04 8.47 -11.04
CA THR A 207 0.84 7.84 -10.49
C THR A 207 -0.40 8.66 -10.87
N THR A 208 -1.51 7.99 -11.09
CA THR A 208 -2.81 8.53 -11.53
C THR A 208 -3.77 8.53 -10.35
N PHE A 209 -4.56 9.58 -10.20
CA PHE A 209 -5.50 9.72 -9.08
C PHE A 209 -6.46 8.56 -8.96
N LEU A 210 -6.51 7.94 -7.78
CA LEU A 210 -7.54 6.97 -7.44
C LEU A 210 -8.76 7.71 -6.90
N PHE A 211 -8.59 8.41 -5.79
CA PHE A 211 -9.68 9.10 -5.08
C PHE A 211 -9.15 10.13 -4.10
N SER A 212 -10.05 11.00 -3.63
CA SER A 212 -9.82 11.85 -2.48
C SER A 212 -11.01 11.82 -1.55
N LEU A 213 -10.77 11.99 -0.25
CA LEU A 213 -11.76 11.79 0.80
C LEU A 213 -11.57 12.80 1.93
N TYR A 214 -12.57 13.62 2.24
CA TYR A 214 -12.52 14.48 3.42
C TYR A 214 -12.76 13.67 4.69
N LEU A 215 -11.81 13.70 5.63
CA LEU A 215 -11.90 13.02 6.92
C LEU A 215 -12.05 14.00 8.09
N GLY A 216 -11.54 15.22 7.96
CA GLY A 216 -11.44 16.21 9.04
C GLY A 216 -10.36 15.87 10.07
N THR A 217 -10.33 14.64 10.57
CA THR A 217 -9.32 14.14 11.50
C THR A 217 -7.99 13.81 10.81
N LEU A 218 -6.90 13.79 11.56
CA LEU A 218 -5.61 13.28 11.08
C LEU A 218 -5.57 11.76 11.11
N LEU A 219 -5.19 11.15 10.00
CA LEU A 219 -4.61 9.82 9.98
C LEU A 219 -3.25 9.91 10.66
N SER A 220 -2.84 8.91 11.42
CA SER A 220 -1.59 8.97 12.17
C SER A 220 -0.73 7.73 12.03
N HIS A 221 -1.30 6.59 11.69
CA HIS A 221 -0.56 5.34 11.51
C HIS A 221 -0.91 4.66 10.20
N TYR A 222 0.02 3.91 9.65
CA TYR A 222 -0.25 2.95 8.59
C TYR A 222 0.50 1.66 8.87
N TYR A 223 0.01 0.58 8.29
CA TYR A 223 0.57 -0.74 8.49
C TYR A 223 0.35 -1.60 7.24
N VAL A 224 1.30 -2.44 6.88
CA VAL A 224 1.20 -3.34 5.73
C VAL A 224 0.91 -4.72 6.25
N LEU A 225 -0.25 -5.28 5.89
CA LEU A 225 -0.71 -6.53 6.47
C LEU A 225 0.18 -7.70 6.08
N PRO A 226 0.56 -8.58 7.02
CA PRO A 226 1.11 -9.88 6.70
C PRO A 226 0.18 -10.64 5.76
N LEU A 227 0.75 -11.45 4.88
CA LEU A 227 0.03 -12.29 3.95
C LEU A 227 0.54 -13.72 4.09
N THR A 228 -0.35 -14.70 4.29
CA THR A 228 0.05 -16.08 4.56
C THR A 228 -0.29 -17.02 3.40
N CYS A 229 0.65 -17.90 3.03
CA CYS A 229 0.48 -18.85 1.94
C CYS A 229 1.29 -20.12 2.18
N ASN A 230 0.86 -21.23 1.57
CA ASN A 230 1.66 -22.44 1.40
C ASN A 230 2.52 -22.37 0.11
N ALA A 231 3.10 -21.19 -0.15
CA ALA A 231 3.80 -20.80 -1.39
C ALA A 231 4.69 -19.58 -1.10
N ILE A 232 5.28 -18.92 -2.11
CA ILE A 232 6.04 -17.68 -1.99
C ILE A 232 7.13 -17.73 -0.91
N SER A 233 8.01 -18.72 -1.04
CA SER A 233 9.19 -18.89 -0.18
C SER A 233 10.25 -19.77 -0.85
N SER A 234 11.49 -19.72 -0.34
CA SER A 234 12.66 -20.30 -1.01
C SER A 234 12.59 -21.82 -1.19
N ASN A 235 11.94 -22.56 -0.30
CA ASN A 235 11.83 -24.01 -0.39
C ASN A 235 10.72 -24.50 -1.34
N THR A 236 9.91 -23.61 -1.92
CA THR A 236 8.72 -23.99 -2.73
C THR A 236 8.68 -23.33 -4.11
N ASP A 237 9.06 -22.06 -4.26
CA ASP A 237 9.05 -21.39 -5.56
C ASP A 237 10.09 -20.27 -5.74
N ASN A 238 10.86 -19.89 -4.71
CA ASN A 238 11.78 -18.75 -4.71
C ASN A 238 11.12 -17.40 -5.07
N GLU A 239 9.80 -17.30 -5.06
CA GLU A 239 9.09 -16.05 -5.28
C GLU A 239 8.89 -15.30 -3.94
N THR A 240 8.70 -13.98 -3.96
CA THR A 240 8.59 -13.17 -2.74
C THR A 240 7.62 -12.01 -2.88
N LEU A 241 7.03 -11.57 -1.77
CA LEU A 241 6.41 -10.25 -1.65
C LEU A 241 7.50 -9.18 -1.53
N GLN A 242 7.22 -7.96 -1.97
CA GLN A 242 7.99 -6.76 -1.61
C GLN A 242 7.04 -5.57 -1.60
N TYR A 243 6.99 -4.82 -0.50
CA TYR A 243 6.16 -3.62 -0.38
C TYR A 243 7.03 -2.48 0.14
N TRP A 244 7.75 -1.84 -0.76
CA TRP A 244 8.69 -0.77 -0.44
C TRP A 244 7.96 0.52 -0.14
N VAL A 245 8.35 1.23 0.91
CA VAL A 245 7.71 2.49 1.33
C VAL A 245 8.75 3.57 1.63
N THR A 246 8.51 4.79 1.20
CA THR A 246 9.36 5.96 1.49
C THR A 246 8.48 7.15 1.88
N PRO A 247 8.83 7.97 2.88
CA PRO A 247 7.97 9.05 3.35
C PRO A 247 7.86 10.20 2.36
N LEU A 248 6.70 10.83 2.30
CA LEU A 248 6.46 12.08 1.58
C LEU A 248 6.78 13.30 2.45
N SER A 249 6.96 14.46 1.81
CA SER A 249 7.04 15.76 2.48
C SER A 249 6.45 16.84 1.58
N LYS A 250 5.96 17.95 2.14
CA LYS A 250 5.48 19.11 1.37
C LYS A 250 6.67 19.75 0.67
N ARG A 251 6.70 19.68 -0.65
CA ARG A 251 7.90 19.81 -1.47
C ARG A 251 7.53 20.38 -2.83
N GLN A 252 8.42 21.14 -3.45
CA GLN A 252 8.16 21.77 -4.74
C GLN A 252 8.88 21.01 -5.85
N TYR A 253 8.15 20.62 -6.88
CA TYR A 253 8.66 19.91 -8.05
C TYR A 253 8.39 20.71 -9.31
N LEU A 254 9.34 20.71 -10.23
CA LEU A 254 9.07 21.05 -11.62
C LEU A 254 8.48 19.82 -12.31
N LEU A 255 7.39 19.98 -13.05
CA LEU A 255 6.77 18.92 -13.86
C LEU A 255 6.73 19.35 -15.32
N LYS A 256 7.23 18.51 -16.24
CA LYS A 256 7.26 18.77 -17.69
C LYS A 256 6.22 17.90 -18.38
N PHE A 257 5.27 18.51 -19.06
CA PHE A 257 4.22 17.84 -19.83
C PHE A 257 4.45 17.99 -21.33
N ASP A 258 4.35 16.90 -22.10
CA ASP A 258 4.38 16.97 -23.56
C ASP A 258 3.02 17.41 -24.15
N ASN A 259 2.92 17.46 -25.48
CA ASN A 259 1.69 17.86 -26.18
C ASN A 259 0.53 16.85 -26.09
N ARG A 260 0.75 15.64 -25.56
CA ARG A 260 -0.32 14.68 -25.22
C ARG A 260 -0.81 14.88 -23.78
N GLY A 261 -0.03 15.56 -22.96
CA GLY A 261 -0.26 15.73 -21.53
C GLY A 261 0.41 14.68 -20.65
N VAL A 262 1.40 13.94 -21.16
CA VAL A 262 2.17 12.97 -20.37
C VAL A 262 3.30 13.69 -19.63
N ILE A 263 3.52 13.41 -18.35
CA ILE A 263 4.71 13.92 -17.64
C ILE A 263 5.94 13.18 -18.17
N THR A 264 6.82 13.87 -18.88
CA THR A 264 8.04 13.26 -19.44
C THR A 264 9.25 13.42 -18.52
N ASN A 265 9.28 14.45 -17.68
CA ASN A 265 10.38 14.73 -16.76
C ASN A 265 9.88 15.43 -15.49
N ALA A 266 10.66 15.36 -14.42
CA ALA A 266 10.43 16.14 -13.21
C ALA A 266 11.74 16.47 -12.48
N VAL A 267 11.72 17.48 -11.62
CA VAL A 267 12.89 17.91 -10.83
C VAL A 267 12.46 18.19 -9.39
N ASP A 268 13.24 17.78 -8.40
CA ASP A 268 12.93 17.95 -6.97
C ASP A 268 13.11 19.39 -6.47
C1 NAG B . -16.51 -2.15 17.87
C2 NAG B . -17.49 -3.34 17.89
C3 NAG B . -17.56 -3.88 19.32
C4 NAG B . -16.17 -4.15 19.92
C5 NAG B . -15.28 -2.91 19.81
C6 NAG B . -13.86 -3.08 20.36
C7 NAG B . -19.37 -3.19 16.31
C8 NAG B . -20.66 -2.45 15.97
N2 NAG B . -18.81 -2.87 17.47
O3 NAG B . -18.31 -5.12 19.37
O4 NAG B . -16.39 -4.43 21.34
O5 NAG B . -15.22 -2.53 18.39
O6 NAG B . -13.20 -4.15 19.67
O7 NAG B . -18.88 -4.02 15.57
C1 NAG B . -15.89 -5.72 21.81
C2 NAG B . -15.80 -5.69 23.34
C3 NAG B . -15.34 -7.07 23.85
C4 NAG B . -16.31 -8.15 23.36
C5 NAG B . -16.40 -8.14 21.83
C6 NAG B . -17.40 -9.16 21.27
C7 NAG B . -15.31 -3.42 24.16
C8 NAG B . -14.23 -2.45 24.63
N2 NAG B . -14.90 -4.64 23.80
O3 NAG B . -15.27 -7.10 25.30
O4 NAG B . -15.82 -9.47 23.81
O5 NAG B . -16.80 -6.78 21.38
O6 NAG B . -18.70 -8.93 21.85
O7 NAG B . -16.50 -3.09 24.10
C1 BMA B . -16.72 -10.16 24.74
C2 BMA B . -16.31 -11.64 24.81
C3 BMA B . -17.19 -12.40 25.82
C4 BMA B . -17.10 -11.71 27.20
C5 BMA B . -17.44 -10.22 27.12
C6 BMA B . -17.18 -9.47 28.43
O2 BMA B . -14.93 -11.71 25.22
O3 BMA B . -16.78 -13.83 25.96
O4 BMA B . -18.04 -12.35 28.11
O5 BMA B . -16.62 -9.57 26.07
O6 BMA B . -15.75 -9.56 28.78
C1 MAN B . -16.95 -14.67 24.78
C2 MAN B . -17.17 -16.14 25.21
C3 MAN B . -15.90 -16.69 25.85
C4 MAN B . -14.67 -16.54 24.93
C5 MAN B . -14.52 -15.07 24.50
C6 MAN B . -13.40 -14.85 23.47
O2 MAN B . -17.51 -16.96 24.07
O3 MAN B . -16.10 -18.11 26.14
O4 MAN B . -13.51 -16.96 25.68
O5 MAN B . -15.78 -14.58 23.90
O6 MAN B . -13.78 -15.39 22.19
C1 MAN B . -15.53 -9.57 30.23
C2 MAN B . -14.08 -9.13 30.55
C3 MAN B . -13.06 -10.24 30.22
C4 MAN B . -13.46 -11.58 30.84
C5 MAN B . -14.85 -11.97 30.32
C6 MAN B . -15.36 -13.33 30.82
O2 MAN B . -13.96 -8.80 31.96
O3 MAN B . -11.77 -9.83 30.72
O4 MAN B . -12.49 -12.57 30.43
O5 MAN B . -15.80 -10.91 30.75
O6 MAN B . -16.64 -13.63 30.20
C1 NAG C . -14.85 -4.97 -5.58
C2 NAG C . -16.34 -5.33 -5.79
C3 NAG C . -16.76 -6.38 -4.74
C4 NAG C . -15.87 -7.62 -4.89
C5 NAG C . -14.38 -7.27 -4.77
C6 NAG C . -13.46 -8.45 -5.07
C7 NAG C . -17.28 -3.24 -4.87
C8 NAG C . -18.06 -1.99 -5.21
N2 NAG C . -17.21 -4.15 -5.84
O3 NAG C . -18.15 -6.75 -4.96
O4 NAG C . -16.18 -8.58 -3.81
O5 NAG C . -14.05 -6.18 -5.72
O6 NAG C . -13.72 -8.95 -6.40
O7 NAG C . -16.74 -3.39 -3.78
C1 NAG C . -17.05 -9.71 -4.16
C2 NAG C . -16.80 -10.88 -3.18
C3 NAG C . -17.79 -12.03 -3.47
C4 NAG C . -19.24 -11.52 -3.41
C5 NAG C . -19.46 -10.35 -4.39
C6 NAG C . -20.84 -9.70 -4.26
C7 NAG C . -14.51 -11.18 -2.38
C8 NAG C . -13.12 -11.77 -2.68
N2 NAG C . -15.42 -11.36 -3.31
O3 NAG C . -17.63 -13.10 -2.50
O4 NAG C . -20.09 -12.63 -3.81
O5 NAG C . -18.46 -9.30 -4.10
O6 NAG C . -21.87 -10.67 -4.58
O7 NAG C . -14.75 -10.58 -1.33
C1 NAG D . -8.98 -14.80 22.47
C2 NAG D . -8.60 -15.06 23.95
C3 NAG D . -8.33 -16.55 24.19
C4 NAG D . -9.52 -17.40 23.72
C5 NAG D . -9.82 -17.10 22.23
C6 NAG D . -10.98 -17.91 21.63
C7 NAG D . -7.57 -13.02 24.82
C8 NAG D . -6.26 -12.29 25.15
N2 NAG D . -7.44 -14.26 24.34
O3 NAG D . -8.10 -16.81 25.61
O4 NAG D . -9.16 -18.79 23.88
O5 NAG D . -10.11 -15.66 22.10
O6 NAG D . -12.19 -17.69 22.36
O7 NAG D . -8.67 -12.51 24.98
C1 NAG E . 15.32 -8.12 16.26
C2 NAG E . 15.77 -7.14 17.37
C3 NAG E . 16.46 -5.94 16.70
C4 NAG E . 17.65 -6.42 15.87
C5 NAG E . 17.24 -7.47 14.84
C6 NAG E . 18.43 -8.10 14.08
C7 NAG E . 13.55 -6.18 17.91
C8 NAG E . 12.50 -6.02 19.00
N2 NAG E . 14.68 -6.78 18.28
O3 NAG E . 16.94 -5.00 17.71
O4 NAG E . 18.20 -5.27 15.19
O5 NAG E . 16.48 -8.57 15.49
O6 NAG E . 19.30 -8.79 15.01
O7 NAG E . 13.37 -5.76 16.77
C1 NAG F . 4.85 23.49 -27.67
C2 NAG F . 4.35 23.95 -29.05
C3 NAG F . 5.53 24.49 -29.88
C4 NAG F . 6.26 25.61 -29.11
C5 NAG F . 6.67 25.17 -27.69
C6 NAG F . 7.23 26.32 -26.86
C7 NAG F . 2.40 22.57 -29.60
C8 NAG F . 1.86 21.38 -30.39
N2 NAG F . 3.69 22.85 -29.76
O3 NAG F . 5.07 25.01 -31.15
O4 NAG F . 7.45 25.92 -29.87
O5 NAG F . 5.50 24.60 -26.99
O6 NAG F . 6.24 27.35 -26.66
O7 NAG F . 1.69 23.24 -28.85
C1 NAG G . -11.01 -21.56 8.73
C2 NAG G . -10.96 -22.06 10.20
C3 NAG G . -11.49 -23.51 10.28
C4 NAG G . -12.91 -23.60 9.68
C5 NAG G . -12.97 -23.01 8.25
C6 NAG G . -14.40 -22.95 7.68
C7 NAG G . -8.51 -22.41 10.39
C8 NAG G . -7.27 -22.12 11.20
N2 NAG G . -9.65 -21.90 10.85
O3 NAG G . -11.55 -23.97 11.65
O4 NAG G . -13.27 -24.99 9.62
O5 NAG G . -12.38 -21.65 8.25
O6 NAG G . -15.21 -22.06 8.47
O7 NAG G . -8.47 -23.08 9.36
C1 NAG H . 0.60 -5.44 -19.05
C2 NAG H . 0.68 -4.71 -20.40
C3 NAG H . 1.69 -5.40 -21.32
C4 NAG H . 3.07 -5.47 -20.64
C5 NAG H . 2.97 -6.24 -19.30
C6 NAG H . 4.29 -6.27 -18.54
C7 NAG H . -1.53 -3.75 -20.80
C8 NAG H . -2.91 -3.95 -21.44
N2 NAG H . -0.64 -4.70 -21.04
O3 NAG H . 1.84 -4.67 -22.57
O4 NAG H . 3.95 -6.17 -21.52
O5 NAG H . 1.94 -5.60 -18.46
O6 NAG H . 4.67 -4.94 -18.12
O7 NAG H . -1.27 -2.78 -20.10
C1 NAG I . 15.85 -21.49 -4.86
C2 NAG I . 15.88 -22.98 -5.31
C3 NAG I . 17.18 -23.62 -4.78
C4 NAG I . 18.40 -22.85 -5.30
C5 NAG I . 18.34 -21.35 -4.95
C6 NAG I . 19.45 -20.51 -5.60
C7 NAG I . 13.58 -23.75 -5.49
C8 NAG I . 12.38 -24.43 -4.81
N2 NAG I . 14.71 -23.70 -4.80
O3 NAG I . 17.28 -25.01 -5.22
O4 NAG I . 19.56 -23.43 -4.67
O5 NAG I . 17.02 -20.80 -5.37
O6 NAG I . 19.29 -20.51 -7.03
O7 NAG I . 13.48 -23.26 -6.62
C21 A1AR1 J . 8.48 -24.41 7.47
C6 A1AR1 J . 8.76 -16.68 7.39
C7 A1AR1 J . 8.75 -16.65 8.93
C8 A1AR1 J . 8.25 -18.03 9.46
C11 A1AR1 J . 8.11 -12.16 8.08
C10 A1AR1 J . 8.96 -13.41 8.02
C9 A1AR1 J . 8.15 -18.08 11.00
C5 A1AR1 J . 9.36 -15.47 6.65
C4 A1AR1 J . 9.19 -15.76 5.13
C3 A1AR1 J . 9.80 -17.12 4.73
C2 A1AR1 J . 9.30 -18.27 5.65
O6 A1AR1 J . 9.53 -17.83 7.00
C1 A1AR1 J . 7.79 -18.72 5.39
C12 A1AR1 J . 7.68 -23.62 8.62
C31 A1AR1 J . 7.56 -25.26 6.56
C41 A1AR1 J . 6.62 -24.37 5.72
C51 A1AR1 J . 7.43 -23.34 4.89
C61 A1AR1 J . 8.40 -22.58 5.84
C71 A1AR1 J . 9.34 -21.59 5.13
C81 A1AR1 J . 9.89 -20.56 6.16
C91 A1AR1 J . 11.12 -20.99 6.96
CA9 A1AR1 J . 6.88 -17.05 12.75
CM9 A1AR1 J . 5.99 -15.87 13.06
N5 A1AR1 J . 8.65 -14.24 6.98
N51 A1AR1 J . 6.53 -22.37 4.20
O10 A1AR1 J . 9.82 -13.67 8.83
O1A A1AR1 J . 7.39 -18.70 4.24
O1B A1AR1 J . 7.05 -18.95 6.34
O3 A1AR1 J . 9.48 -25.25 8.02
O4 A1AR1 J . 9.76 -14.72 4.34
O41 A1AR1 J . 5.82 -25.19 4.89
O61 A1AR1 J . 9.20 -23.52 6.59
O7 A1AR1 J . 10.05 -16.34 9.43
O71 A1AR1 J . 10.42 -22.22 4.43
O8 A1AR1 J . 6.98 -18.36 8.87
O81 A1AR1 J . 10.23 -19.35 5.45
O9 A1AR1 J . 7.25 -17.05 11.45
O91 A1AR1 J . 11.47 -19.91 7.81
OA9 A1AR1 J . 7.20 -17.89 13.57
C101 A1AR1 J . 6.15 -22.37 2.88
C111 A1AR1 J . 6.52 -23.55 2.00
O101 A1AR1 J . 5.53 -21.42 2.44
O1A1 A1AR1 J . 8.05 -22.51 8.94
O1B1 A1AR1 J . 6.61 -24.08 9.00
#